data_8QVH
#
_entry.id   8QVH
#
_cell.length_a   95.41
_cell.length_b   95.41
_cell.length_c   244.29
_cell.angle_alpha   90
_cell.angle_beta   90
_cell.angle_gamma   120
#
_symmetry.space_group_name_H-M   'P 65 2 2'
#
loop_
_entity.id
_entity.type
_entity.pdbx_description
1 polymer 'Bifunctional epoxide hydrolase 2'
2 non-polymer '4-[(trans-4-{[(3s,5s,7s)-tricyclo[3.3.1.1~3,7~]dec-1-ylcarbamoyl]amino}cyclohexyl)oxy]benzoic acid'
3 water water
#
_entity_poly.entity_id   1
_entity_poly.type   'polypeptide(L)'
_entity_poly.pdbx_seq_one_letter_code
;GMTLRAAVFDLDGVLALPAVFGVLGRTEEALALPRGLLNDAFQKGGPEGATTRLMKGEITLSQWIPLMEENCRKCSETAK
VCLPKNFSIKEIFDKAISARKINRPMLQAALMLRKKGFTTAILTNTWLDDRAERDGLAQLMCELKMHFDFLIESCQVGMV
KPEPQIYKFLLDTLKASPSEVVFLDDIGANLKPARDLGMVTILVQDTDTALKELEKVTGIQLLNTPAPLPTSCNPSDMSH
GYVTVKPRVRLHFVELGSGPAVCLCHGFPESWYSWRYQIPALAQAGYRVLAMDMKGYGESSAPPEIEEYCMEVLCKEMVT
FLDKLGLSQAVFIGHDWGGMLVWYMALFYPERVRAVASLNTPFIPANPNMSPLESIKANPVFDYQLYFQEPGVAEAELEQ
NLSRTFKSLFRASDESVLSMHKVCEAGGLFVNSPEEPSLSRMVTEEEIQFYVQQFKKSGFRGPLNWYRNMERNWKWACKS
LGRKILIPALMVTAEKDFVLVPQMSQHMEDWIPHLKRGHIEDCGHWTQMDKPTEVNQILIKWLDSDARN
;
_entity_poly.pdbx_strand_id   A
#
loop_
_chem_comp.id
_chem_comp.type
_chem_comp.name
_chem_comp.formula
AUB non-polymer '4-[(trans-4-{[(3s,5s,7s)-tricyclo[3.3.1.1~3,7~]dec-1-ylcarbamoyl]amino}cyclohexyl)oxy]benzoic acid' 'C24 H32 N2 O4'
#
# COMPACT_ATOMS: atom_id res chain seq x y z
N THR A 3 3.06 -31.57 -8.38
CA THR A 3 2.36 -32.20 -7.27
C THR A 3 2.41 -31.31 -6.01
N LEU A 4 3.50 -30.50 -5.83
CA LEU A 4 3.62 -29.58 -4.71
C LEU A 4 2.55 -28.50 -4.79
N ARG A 5 1.94 -28.17 -3.67
CA ARG A 5 0.92 -27.12 -3.63
C ARG A 5 0.99 -26.24 -2.38
N ALA A 6 1.89 -26.53 -1.41
CA ALA A 6 2.04 -25.75 -0.20
C ALA A 6 3.51 -25.48 0.09
N ALA A 7 3.79 -24.29 0.66
CA ALA A 7 5.14 -23.88 1.03
C ALA A 7 5.09 -23.24 2.42
N VAL A 8 5.84 -23.82 3.36
CA VAL A 8 5.91 -23.38 4.75
C VAL A 8 7.28 -22.75 5.02
N PHE A 9 7.29 -21.60 5.67
CA PHE A 9 8.51 -20.89 5.98
C PHE A 9 8.62 -20.66 7.47
N ASP A 10 9.86 -20.61 7.96
CA ASP A 10 10.12 -20.23 9.35
C ASP A 10 10.32 -18.69 9.31
N LEU A 11 10.14 -18.03 10.46
CA LEU A 11 10.32 -16.59 10.55
C LEU A 11 11.82 -16.23 10.80
N ASP A 12 12.32 -16.54 11.99
CA ASP A 12 13.68 -16.25 12.41
C ASP A 12 14.69 -16.98 11.56
N GLY A 13 15.54 -16.24 10.86
CA GLY A 13 16.56 -16.84 10.01
C GLY A 13 16.11 -17.14 8.60
N VAL A 14 14.80 -17.06 8.30
CA VAL A 14 14.32 -17.35 6.94
C VAL A 14 13.62 -16.11 6.34
N LEU A 15 12.47 -15.69 6.90
CA LEU A 15 11.78 -14.51 6.39
C LEU A 15 12.31 -13.21 7.02
N ALA A 16 13.02 -13.30 8.17
CA ALA A 16 13.60 -12.17 8.88
C ALA A 16 15.06 -12.48 9.23
N LEU A 17 15.96 -11.53 8.92
CA LEU A 17 17.39 -11.66 9.17
C LEU A 17 17.94 -10.46 9.92
N PRO A 18 18.95 -10.64 10.78
CA PRO A 18 19.59 -11.91 11.15
C PRO A 18 18.85 -12.69 12.24
N ALA A 19 19.17 -13.96 12.38
CA ALA A 19 18.56 -14.82 13.39
C ALA A 19 19.06 -14.44 14.78
N VAL A 20 18.25 -14.69 15.81
CA VAL A 20 18.58 -14.39 17.21
C VAL A 20 19.84 -15.14 17.65
N PHE A 21 19.93 -16.42 17.30
CA PHE A 21 21.07 -17.30 17.59
C PHE A 21 22.39 -16.75 17.04
N GLY A 22 22.31 -16.02 15.93
CA GLY A 22 23.47 -15.40 15.30
C GLY A 22 23.99 -14.26 16.16
N VAL A 23 23.07 -13.49 16.74
CA VAL A 23 23.38 -12.36 17.63
C VAL A 23 24.00 -12.86 18.95
N LEU A 24 23.56 -14.03 19.44
CA LEU A 24 24.08 -14.67 20.64
C LEU A 24 25.55 -15.08 20.44
N GLY A 25 25.87 -15.58 19.25
CA GLY A 25 27.24 -15.98 18.90
C GLY A 25 28.14 -14.78 18.73
N ARG A 26 27.59 -13.68 18.19
CA ARG A 26 28.32 -12.42 17.99
C ARG A 26 28.59 -11.69 19.34
N THR A 27 27.72 -11.89 20.34
CA THR A 27 27.89 -11.29 21.66
C THR A 27 28.99 -11.99 22.47
N GLU A 28 29.15 -13.31 22.28
CA GLU A 28 30.21 -14.06 22.96
C GLU A 28 31.58 -13.55 22.49
N GLU A 29 31.73 -13.33 21.16
CA GLU A 29 32.97 -12.83 20.56
C GLU A 29 33.26 -11.42 21.05
N ALA A 30 32.24 -10.55 21.06
CA ALA A 30 32.40 -9.16 21.47
C ALA A 30 32.75 -9.04 22.94
N LEU A 31 32.12 -9.85 23.79
CA LEU A 31 32.39 -9.81 25.23
C LEU A 31 33.51 -10.74 25.67
N ALA A 32 34.25 -11.36 24.73
CA ALA A 32 35.33 -12.30 24.98
C ALA A 32 34.96 -13.45 25.92
N LEU A 33 33.70 -13.88 25.87
CA LEU A 33 33.18 -14.99 26.67
C LEU A 33 33.53 -16.32 25.99
N PRO A 34 33.54 -17.44 26.75
CA PRO A 34 33.78 -18.75 26.12
C PRO A 34 32.76 -19.05 25.02
N ARG A 35 33.20 -19.61 23.91
CA ARG A 35 32.30 -19.95 22.80
C ARG A 35 31.16 -20.89 23.23
N GLY A 36 29.98 -20.57 22.74
CA GLY A 36 28.76 -21.31 23.04
C GLY A 36 28.14 -21.10 24.42
N LEU A 37 28.75 -20.30 25.31
CA LEU A 37 28.22 -20.10 26.67
C LEU A 37 26.77 -19.59 26.71
N LEU A 38 26.46 -18.58 25.88
CA LEU A 38 25.13 -17.96 25.77
C LEU A 38 24.13 -18.92 25.13
N ASN A 39 24.57 -19.72 24.17
CA ASN A 39 23.69 -20.71 23.56
C ASN A 39 23.39 -21.86 24.51
N ASP A 40 24.33 -22.20 25.43
CA ASP A 40 24.10 -23.26 26.41
C ASP A 40 23.08 -22.81 27.44
N ALA A 41 23.21 -21.57 27.93
CA ALA A 41 22.26 -21.04 28.91
C ALA A 41 20.86 -20.93 28.26
N PHE A 42 20.81 -20.54 26.98
CA PHE A 42 19.56 -20.43 26.25
C PHE A 42 18.79 -21.77 26.20
N GLN A 43 19.48 -22.88 25.95
CA GLN A 43 18.83 -24.19 25.86
C GLN A 43 18.79 -25.00 27.16
N LYS A 44 19.42 -24.49 28.23
CA LYS A 44 19.52 -25.22 29.49
C LYS A 44 18.22 -25.84 30.03
N GLY A 45 18.19 -27.17 30.10
CA GLY A 45 17.05 -27.89 30.64
C GLY A 45 16.21 -28.63 29.61
N GLY A 46 16.43 -28.35 28.33
CA GLY A 46 15.68 -28.96 27.24
C GLY A 46 14.19 -28.75 27.37
N PRO A 47 13.41 -29.85 27.23
CA PRO A 47 11.95 -29.75 27.33
C PRO A 47 11.41 -29.26 28.67
N GLU A 48 12.18 -29.39 29.74
CA GLU A 48 11.74 -28.91 31.06
C GLU A 48 12.29 -27.51 31.44
N GLY A 49 13.11 -26.92 30.56
CA GLY A 49 13.76 -25.65 30.80
C GLY A 49 12.92 -24.43 30.49
N ALA A 50 13.42 -23.28 30.93
CA ALA A 50 12.75 -22.00 30.78
C ALA A 50 12.38 -21.64 29.34
N THR A 51 13.26 -21.93 28.38
CA THR A 51 13.04 -21.53 27.00
C THR A 51 11.91 -22.34 26.36
N THR A 52 11.74 -23.61 26.73
CA THR A 52 10.62 -24.39 26.21
C THR A 52 9.30 -23.86 26.78
N ARG A 53 9.31 -23.47 28.06
CA ARG A 53 8.12 -22.91 28.69
C ARG A 53 7.74 -21.59 28.01
N LEU A 54 8.75 -20.78 27.65
CA LEU A 54 8.56 -19.54 26.92
C LEU A 54 7.93 -19.80 25.50
N MET A 55 8.48 -20.75 24.73
CA MET A 55 7.98 -21.05 23.38
C MET A 55 6.61 -21.70 23.38
N LYS A 56 6.24 -22.39 24.47
CA LYS A 56 4.89 -22.97 24.59
C LYS A 56 3.83 -21.97 25.08
N GLY A 57 4.24 -20.75 25.42
CA GLY A 57 3.34 -19.73 25.91
C GLY A 57 2.98 -19.92 27.37
N GLU A 58 3.78 -20.67 28.14
CA GLU A 58 3.50 -20.87 29.57
C GLU A 58 3.85 -19.64 30.38
N ILE A 59 4.93 -18.95 30.00
CA ILE A 59 5.42 -17.71 30.59
C ILE A 59 5.71 -16.70 29.46
N THR A 60 5.84 -15.42 29.79
CA THR A 60 6.11 -14.38 28.79
C THR A 60 7.60 -14.06 28.71
N LEU A 61 8.03 -13.28 27.69
CA LEU A 61 9.45 -12.91 27.53
C LEU A 61 10.04 -12.25 28.79
N SER A 62 9.31 -11.31 29.41
CA SER A 62 9.79 -10.64 30.62
C SER A 62 9.94 -11.59 31.79
N GLN A 63 9.08 -12.60 31.89
CA GLN A 63 9.19 -13.59 32.98
C GLN A 63 10.42 -14.49 32.75
N TRP A 64 10.79 -14.73 31.48
CA TRP A 64 11.89 -15.60 31.07
C TRP A 64 13.24 -14.96 31.28
N ILE A 65 13.37 -13.63 31.02
CA ILE A 65 14.64 -12.90 31.13
C ILE A 65 15.40 -13.19 32.44
N PRO A 66 14.80 -13.11 33.66
CA PRO A 66 15.57 -13.46 34.87
C PRO A 66 15.94 -14.93 34.95
N LEU A 67 15.15 -15.86 34.36
CA LEU A 67 15.48 -17.28 34.36
C LEU A 67 16.69 -17.56 33.44
N MET A 68 16.80 -16.83 32.32
CA MET A 68 17.92 -16.92 31.37
C MET A 68 19.21 -16.35 31.98
N GLU A 69 19.09 -15.27 32.78
CA GLU A 69 20.21 -14.65 33.45
C GLU A 69 20.82 -15.63 34.46
N GLU A 70 19.98 -16.28 35.29
CA GLU A 70 20.53 -17.24 36.24
C GLU A 70 21.12 -18.48 35.51
N ASN A 71 20.57 -18.82 34.34
CA ASN A 71 21.12 -19.87 33.50
C ASN A 71 22.53 -19.46 33.03
N CYS A 72 22.75 -18.16 32.71
CA CYS A 72 24.07 -17.61 32.31
C CYS A 72 25.08 -17.68 33.47
N ARG A 73 24.66 -17.35 34.71
CA ARG A 73 25.56 -17.47 35.86
C ARG A 73 25.93 -18.93 36.13
N LYS A 74 24.96 -19.86 36.14
CA LYS A 74 25.25 -21.27 36.36
C LYS A 74 26.19 -21.82 35.30
N CYS A 75 26.09 -21.33 34.05
CA CYS A 75 26.98 -21.77 32.98
C CYS A 75 28.39 -21.22 33.21
N SER A 76 28.51 -19.98 33.65
CA SER A 76 29.80 -19.37 33.91
C SER A 76 30.49 -19.96 35.15
N GLU A 77 29.72 -20.45 36.13
CA GLU A 77 30.30 -21.09 37.33
C GLU A 77 31.07 -22.34 36.89
N THR A 78 30.41 -23.20 36.09
CA THR A 78 30.95 -24.44 35.56
C THR A 78 32.15 -24.16 34.63
N ALA A 79 32.02 -23.15 33.73
CA ALA A 79 33.09 -22.75 32.82
C ALA A 79 34.27 -22.04 33.52
N LYS A 80 34.13 -21.73 34.82
CA LYS A 80 35.15 -21.07 35.64
C LYS A 80 35.52 -19.71 35.09
N VAL A 81 34.50 -18.95 34.68
CA VAL A 81 34.69 -17.62 34.13
C VAL A 81 33.76 -16.62 34.84
N CYS A 82 34.08 -15.33 34.74
CA CYS A 82 33.26 -14.30 35.33
C CYS A 82 32.61 -13.49 34.23
N LEU A 83 31.30 -13.28 34.34
CA LEU A 83 30.58 -12.48 33.35
C LEU A 83 30.92 -11.01 33.58
N PRO A 84 30.95 -10.18 32.52
CA PRO A 84 31.27 -8.76 32.72
C PRO A 84 30.35 -8.06 33.70
N LYS A 85 30.86 -7.02 34.37
CA LYS A 85 30.16 -6.24 35.39
C LYS A 85 28.79 -5.69 34.90
N ASN A 86 28.73 -5.32 33.62
CA ASN A 86 27.54 -4.75 32.97
C ASN A 86 26.76 -5.76 32.09
N PHE A 87 26.74 -7.06 32.45
CA PHE A 87 26.03 -8.07 31.67
C PHE A 87 24.52 -7.96 31.79
N SER A 88 23.80 -7.91 30.65
CA SER A 88 22.34 -7.78 30.65
C SER A 88 21.68 -8.54 29.50
N ILE A 89 20.86 -9.54 29.82
CA ILE A 89 20.12 -10.32 28.83
C ILE A 89 19.11 -9.43 28.10
N LYS A 90 18.48 -8.50 28.82
CA LYS A 90 17.52 -7.56 28.28
C LYS A 90 18.15 -6.72 27.16
N GLU A 91 19.30 -6.09 27.42
CA GLU A 91 19.99 -5.28 26.41
C GLU A 91 20.36 -6.09 25.18
N ILE A 92 20.84 -7.33 25.39
CA ILE A 92 21.26 -8.20 24.32
C ILE A 92 20.07 -8.57 23.44
N PHE A 93 18.97 -9.00 24.06
CA PHE A 93 17.76 -9.37 23.32
C PHE A 93 17.08 -8.19 22.62
N ASP A 94 16.99 -7.00 23.27
CA ASP A 94 16.42 -5.79 22.67
C ASP A 94 17.11 -5.45 21.35
N LYS A 95 18.46 -5.44 21.34
CA LYS A 95 19.26 -5.13 20.15
C LYS A 95 19.12 -6.19 19.07
N ALA A 96 19.06 -7.48 19.45
CA ALA A 96 18.89 -8.59 18.53
C ALA A 96 17.54 -8.50 17.79
N ILE A 97 16.43 -8.25 18.52
CA ILE A 97 15.09 -8.15 17.95
C ILE A 97 14.97 -6.91 17.04
N SER A 98 15.57 -5.82 17.48
CA SER A 98 15.58 -4.55 16.76
C SER A 98 16.31 -4.65 15.41
N ALA A 99 17.41 -5.41 15.36
CA ALA A 99 18.22 -5.58 14.16
C ALA A 99 17.53 -6.39 13.05
N ARG A 100 16.56 -7.22 13.41
CA ARG A 100 15.86 -8.08 12.47
C ARG A 100 15.01 -7.33 11.44
N LYS A 101 15.28 -7.59 10.15
CA LYS A 101 14.56 -6.98 9.03
C LYS A 101 14.02 -8.05 8.08
N ILE A 102 13.00 -7.73 7.28
CA ILE A 102 12.45 -8.68 6.32
C ILE A 102 13.44 -9.00 5.22
N ASN A 103 13.59 -10.28 4.93
CA ASN A 103 14.44 -10.76 3.87
C ASN A 103 13.62 -10.59 2.59
N ARG A 104 13.73 -9.42 1.94
CA ARG A 104 12.97 -9.09 0.72
C ARG A 104 12.98 -10.19 -0.37
N PRO A 105 14.13 -10.75 -0.78
CA PRO A 105 14.10 -11.82 -1.79
C PRO A 105 13.26 -13.05 -1.39
N MET A 106 13.28 -13.41 -0.11
CA MET A 106 12.53 -14.54 0.42
C MET A 106 11.03 -14.25 0.38
N LEU A 107 10.62 -13.02 0.71
CA LEU A 107 9.22 -12.61 0.67
C LEU A 107 8.73 -12.55 -0.77
N GLN A 108 9.58 -12.05 -1.68
CA GLN A 108 9.23 -11.95 -3.09
C GLN A 108 8.97 -13.35 -3.68
N ALA A 109 9.79 -14.35 -3.31
CA ALA A 109 9.60 -15.73 -3.75
C ALA A 109 8.28 -16.33 -3.17
N ALA A 110 7.95 -16.01 -1.92
CA ALA A 110 6.72 -16.49 -1.29
C ALA A 110 5.51 -15.92 -2.00
N LEU A 111 5.55 -14.63 -2.37
CA LEU A 111 4.47 -13.96 -3.09
C LEU A 111 4.24 -14.54 -4.47
N MET A 112 5.32 -14.87 -5.17
CA MET A 112 5.21 -15.47 -6.49
C MET A 112 4.61 -16.88 -6.44
N LEU A 113 4.96 -17.67 -5.41
CA LEU A 113 4.43 -19.02 -5.27
C LEU A 113 2.91 -18.98 -5.05
N ARG A 114 2.46 -18.10 -4.14
CA ARG A 114 1.02 -17.93 -3.85
C ARG A 114 0.24 -17.49 -5.09
N LYS A 115 0.82 -16.58 -5.88
CA LYS A 115 0.25 -16.06 -7.12
C LYS A 115 -0.01 -17.19 -8.10
N LYS A 116 0.89 -18.17 -8.15
CA LYS A 116 0.75 -19.32 -9.04
C LYS A 116 -0.05 -20.49 -8.41
N GLY A 117 -0.88 -20.19 -7.41
CA GLY A 117 -1.76 -21.17 -6.81
C GLY A 117 -1.32 -21.94 -5.58
N PHE A 118 -0.15 -21.62 -5.00
CA PHE A 118 0.31 -22.32 -3.80
C PHE A 118 -0.32 -21.77 -2.55
N THR A 119 -0.52 -22.65 -1.55
CA THR A 119 -0.95 -22.23 -0.23
C THR A 119 0.36 -21.92 0.53
N THR A 120 0.43 -20.77 1.19
CA THR A 120 1.66 -20.41 1.92
C THR A 120 1.41 -20.25 3.42
N ALA A 121 2.40 -20.59 4.24
CA ALA A 121 2.24 -20.51 5.68
C ALA A 121 3.55 -20.22 6.44
N ILE A 122 3.44 -19.64 7.62
CA ILE A 122 4.59 -19.43 8.49
C ILE A 122 4.38 -20.32 9.70
N LEU A 123 5.36 -21.17 10.03
CA LEU A 123 5.33 -22.01 11.22
C LEU A 123 6.57 -21.62 12.01
N THR A 124 6.39 -20.96 13.15
CA THR A 124 7.53 -20.43 13.90
C THR A 124 7.46 -20.68 15.40
N ASN A 125 8.64 -20.74 16.02
CA ASN A 125 8.79 -20.85 17.46
C ASN A 125 8.98 -19.43 17.93
N THR A 126 7.95 -18.88 18.60
CA THR A 126 8.01 -17.52 19.06
C THR A 126 7.42 -17.40 20.49
N TRP A 127 7.53 -16.21 21.07
CA TRP A 127 7.16 -15.96 22.44
C TRP A 127 6.04 -14.90 22.54
N LEU A 128 5.44 -14.77 23.74
CA LEU A 128 4.46 -13.75 24.01
C LEU A 128 5.32 -12.55 24.42
N ASP A 129 5.45 -11.57 23.53
CA ASP A 129 6.29 -10.41 23.80
C ASP A 129 5.57 -9.32 24.57
N ASP A 130 5.96 -9.13 25.83
CA ASP A 130 5.42 -8.10 26.73
C ASP A 130 6.46 -7.01 27.09
N ARG A 131 7.57 -6.89 26.34
CA ARG A 131 8.60 -5.87 26.60
C ARG A 131 8.03 -4.49 26.24
N ALA A 132 8.63 -3.42 26.75
CA ALA A 132 8.19 -2.07 26.39
C ALA A 132 8.37 -1.76 24.90
N GLU A 133 9.29 -2.46 24.23
CA GLU A 133 9.57 -2.27 22.81
C GLU A 133 8.84 -3.28 21.89
N ARG A 134 7.84 -4.02 22.42
CA ARG A 134 7.12 -5.04 21.65
C ARG A 134 6.45 -4.54 20.37
N ASP A 135 6.26 -3.22 20.19
CA ASP A 135 5.63 -2.68 18.99
C ASP A 135 6.40 -3.03 17.75
N GLY A 136 7.73 -3.01 17.82
CA GLY A 136 8.60 -3.33 16.70
C GLY A 136 8.35 -4.71 16.15
N LEU A 137 8.10 -5.67 17.06
CA LEU A 137 7.79 -7.03 16.67
C LEU A 137 6.38 -7.12 16.04
N ALA A 138 5.40 -6.43 16.66
CA ALA A 138 4.02 -6.42 16.17
C ALA A 138 3.96 -5.87 14.74
N GLN A 139 4.68 -4.77 14.48
CA GLN A 139 4.74 -4.12 13.18
C GLN A 139 5.28 -5.07 12.10
N LEU A 140 6.35 -5.81 12.42
CA LEU A 140 6.95 -6.77 11.51
C LEU A 140 5.98 -7.91 11.18
N MET A 141 5.29 -8.44 12.19
CA MET A 141 4.35 -9.53 12.00
C MET A 141 3.18 -9.14 11.13
N CYS A 142 2.72 -7.88 11.26
CA CYS A 142 1.61 -7.39 10.46
C CYS A 142 1.99 -7.32 9.00
N GLU A 143 3.21 -6.83 8.71
CA GLU A 143 3.64 -6.73 7.32
C GLU A 143 3.71 -8.09 6.65
N LEU A 144 4.18 -9.11 7.39
CA LEU A 144 4.29 -10.47 6.87
C LEU A 144 2.94 -11.17 6.73
N LYS A 145 2.09 -11.06 7.76
CA LYS A 145 0.76 -11.68 7.87
C LYS A 145 -0.09 -11.62 6.60
N MET A 146 -0.22 -10.42 6.00
CA MET A 146 -1.04 -10.20 4.81
C MET A 146 -0.59 -10.94 3.56
N HIS A 147 0.62 -11.52 3.58
CA HIS A 147 1.13 -12.21 2.41
C HIS A 147 1.03 -13.72 2.46
N PHE A 148 0.54 -14.28 3.57
CA PHE A 148 0.47 -15.73 3.74
C PHE A 148 -0.93 -16.20 4.05
N ASP A 149 -1.25 -17.45 3.70
CA ASP A 149 -2.58 -18.00 4.01
C ASP A 149 -2.70 -18.33 5.50
N PHE A 150 -1.62 -18.80 6.14
CA PHE A 150 -1.66 -19.16 7.56
C PHE A 150 -0.43 -18.73 8.33
N LEU A 151 -0.63 -18.39 9.60
CA LEU A 151 0.45 -18.06 10.51
C LEU A 151 0.21 -18.93 11.74
N ILE A 152 1.16 -19.82 12.05
CA ILE A 152 1.09 -20.74 13.17
C ILE A 152 2.24 -20.45 14.11
N GLU A 153 1.92 -20.01 15.32
CA GLU A 153 2.93 -19.65 16.30
C GLU A 153 2.85 -20.61 17.44
N SER A 154 4.02 -21.08 17.87
CA SER A 154 4.15 -22.04 18.95
C SER A 154 3.44 -21.62 20.24
N CYS A 155 3.65 -20.37 20.66
CA CYS A 155 3.10 -19.88 21.91
C CYS A 155 1.57 -19.81 21.93
N GLN A 156 0.92 -19.90 20.76
CA GLN A 156 -0.52 -19.86 20.68
C GLN A 156 -1.12 -21.27 20.65
N VAL A 157 -0.44 -22.23 19.99
CA VAL A 157 -0.95 -23.59 19.94
C VAL A 157 -0.40 -24.47 21.09
N GLY A 158 0.56 -23.98 21.89
CA GLY A 158 1.11 -24.73 23.01
C GLY A 158 2.01 -25.90 22.64
N MET A 159 2.52 -25.89 21.40
CA MET A 159 3.43 -26.93 20.92
C MET A 159 4.67 -26.25 20.32
N VAL A 160 5.82 -26.93 20.31
CA VAL A 160 7.04 -26.32 19.75
C VAL A 160 7.69 -27.23 18.73
N LYS A 161 8.47 -26.66 17.81
CA LYS A 161 9.31 -27.45 16.93
C LYS A 161 10.55 -27.80 17.81
N PRO A 162 11.03 -29.06 17.79
CA PRO A 162 10.67 -30.14 16.87
C PRO A 162 9.69 -31.23 17.34
N GLU A 163 8.75 -30.94 18.25
CA GLU A 163 7.78 -31.96 18.69
C GLU A 163 6.95 -32.43 17.50
N PRO A 164 6.75 -33.74 17.32
CA PRO A 164 6.06 -34.22 16.11
C PRO A 164 4.60 -33.78 15.97
N GLN A 165 3.94 -33.46 17.09
CA GLN A 165 2.54 -33.06 17.06
C GLN A 165 2.31 -31.72 16.35
N ILE A 166 3.28 -30.79 16.40
CA ILE A 166 3.12 -29.50 15.72
C ILE A 166 3.09 -29.69 14.18
N TYR A 167 3.79 -30.71 13.63
CA TYR A 167 3.81 -31.03 12.20
C TYR A 167 2.50 -31.71 11.78
N LYS A 168 1.88 -32.49 12.67
CA LYS A 168 0.58 -33.09 12.40
C LYS A 168 -0.49 -31.98 12.35
N PHE A 169 -0.40 -31.02 13.28
CA PHE A 169 -1.28 -29.86 13.35
C PHE A 169 -1.17 -29.01 12.06
N LEU A 170 0.05 -28.81 11.55
CA LEU A 170 0.32 -28.04 10.34
C LEU A 170 -0.40 -28.69 9.14
N LEU A 171 -0.28 -30.03 8.97
CA LEU A 171 -0.88 -30.76 7.86
C LEU A 171 -2.39 -30.74 7.89
N ASP A 172 -2.97 -30.79 9.10
CA ASP A 172 -4.42 -30.73 9.25
C ASP A 172 -4.98 -29.35 8.93
N THR A 173 -4.18 -28.30 9.15
CA THR A 173 -4.55 -26.91 8.85
C THR A 173 -4.51 -26.68 7.34
N LEU A 174 -3.50 -27.22 6.66
CA LEU A 174 -3.34 -27.03 5.23
C LEU A 174 -4.24 -27.92 4.39
N LYS A 175 -4.79 -29.00 4.97
CA LYS A 175 -5.61 -29.99 4.23
C LYS A 175 -4.76 -30.61 3.11
N ALA A 176 -3.48 -30.89 3.40
CA ALA A 176 -2.57 -31.42 2.41
C ALA A 176 -1.80 -32.59 2.97
N SER A 177 -1.39 -33.50 2.09
CA SER A 177 -0.57 -34.62 2.51
C SER A 177 0.93 -34.19 2.50
N PRO A 178 1.78 -34.83 3.31
CA PRO A 178 3.18 -34.37 3.42
C PRO A 178 3.96 -34.23 2.12
N SER A 179 3.73 -35.07 1.09
CA SER A 179 4.48 -34.95 -0.17
C SER A 179 4.06 -33.72 -1.02
N GLU A 180 2.95 -33.07 -0.68
CA GLU A 180 2.53 -31.85 -1.36
C GLU A 180 3.10 -30.58 -0.65
N VAL A 181 4.01 -30.74 0.34
CA VAL A 181 4.53 -29.61 1.10
C VAL A 181 6.06 -29.42 1.05
N VAL A 182 6.49 -28.17 0.77
CA VAL A 182 7.89 -27.79 0.85
C VAL A 182 8.04 -26.96 2.14
N PHE A 183 9.04 -27.30 2.96
CA PHE A 183 9.28 -26.70 4.27
C PHE A 183 10.68 -26.07 4.37
N LEU A 184 10.77 -24.77 4.65
CA LEU A 184 12.06 -24.08 4.75
C LEU A 184 12.35 -23.68 6.18
N ASP A 185 13.54 -24.05 6.67
CA ASP A 185 13.96 -23.69 8.01
C ASP A 185 15.48 -23.55 8.05
N ASP A 186 15.99 -22.68 8.94
CA ASP A 186 17.44 -22.51 9.08
C ASP A 186 18.05 -23.46 10.14
N ILE A 187 17.21 -24.20 10.89
CA ILE A 187 17.68 -25.08 11.95
C ILE A 187 17.40 -26.51 11.56
N GLY A 188 18.47 -27.27 11.34
CA GLY A 188 18.41 -28.67 10.92
C GLY A 188 17.52 -29.55 11.76
N ALA A 189 17.59 -29.40 13.09
CA ALA A 189 16.75 -30.15 14.01
C ALA A 189 15.25 -30.03 13.69
N ASN A 190 14.80 -28.84 13.26
CA ASN A 190 13.39 -28.63 12.93
C ASN A 190 12.96 -29.25 11.61
N LEU A 191 13.91 -29.59 10.73
CA LEU A 191 13.58 -30.21 9.45
C LEU A 191 13.38 -31.71 9.62
N LYS A 192 14.13 -32.34 10.55
CA LYS A 192 14.07 -33.78 10.80
C LYS A 192 12.64 -34.36 10.88
N PRO A 193 11.71 -33.83 11.72
CA PRO A 193 10.37 -34.43 11.78
C PRO A 193 9.53 -34.21 10.53
N ALA A 194 9.72 -33.08 9.82
CA ALA A 194 8.96 -32.81 8.60
C ALA A 194 9.38 -33.81 7.52
N ARG A 195 10.70 -34.08 7.43
CA ARG A 195 11.33 -35.02 6.52
C ARG A 195 10.82 -36.45 6.81
N ASP A 196 10.73 -36.86 8.09
CA ASP A 196 10.19 -38.17 8.49
C ASP A 196 8.76 -38.41 7.96
N LEU A 197 7.93 -37.37 7.93
CA LEU A 197 6.57 -37.46 7.39
C LEU A 197 6.53 -37.54 5.86
N GLY A 198 7.62 -37.17 5.20
CA GLY A 198 7.73 -37.18 3.74
C GLY A 198 7.75 -35.83 3.06
N MET A 199 7.81 -34.74 3.84
N MET A 199 7.81 -34.74 3.84
CA MET A 199 7.82 -33.39 3.27
CA MET A 199 7.82 -33.39 3.27
C MET A 199 9.16 -33.05 2.62
C MET A 199 9.16 -33.05 2.62
N VAL A 200 9.13 -32.18 1.59
CA VAL A 200 10.34 -31.69 0.92
C VAL A 200 10.89 -30.62 1.87
N THR A 201 12.15 -30.73 2.29
CA THR A 201 12.73 -29.76 3.21
C THR A 201 13.88 -28.98 2.54
N ILE A 202 14.04 -27.70 2.87
CA ILE A 202 15.15 -26.89 2.36
C ILE A 202 15.83 -26.27 3.59
N LEU A 203 17.13 -26.54 3.77
CA LEU A 203 17.89 -25.99 4.88
C LEU A 203 18.42 -24.65 4.42
N VAL A 204 18.06 -23.58 5.13
CA VAL A 204 18.45 -22.24 4.76
C VAL A 204 19.76 -21.77 5.45
N GLN A 205 20.85 -21.63 4.68
CA GLN A 205 22.10 -21.12 5.22
C GLN A 205 22.26 -19.72 4.64
N ASP A 206 22.17 -19.59 3.32
CA ASP A 206 22.15 -18.29 2.66
C ASP A 206 20.93 -18.26 1.74
N THR A 207 20.35 -17.08 1.58
CA THR A 207 19.11 -16.91 0.82
C THR A 207 19.20 -17.35 -0.63
N ASP A 208 20.27 -16.96 -1.35
CA ASP A 208 20.37 -17.26 -2.77
C ASP A 208 20.39 -18.75 -3.06
N THR A 209 21.14 -19.53 -2.27
CA THR A 209 21.19 -20.98 -2.45
C THR A 209 19.83 -21.61 -2.10
N ALA A 210 19.19 -21.12 -1.02
CA ALA A 210 17.87 -21.61 -0.62
C ALA A 210 16.84 -21.39 -1.75
N LEU A 211 16.89 -20.22 -2.40
CA LEU A 211 15.98 -19.90 -3.49
C LEU A 211 16.20 -20.73 -4.73
N LYS A 212 17.47 -21.10 -5.01
CA LYS A 212 17.79 -21.94 -6.16
C LYS A 212 17.25 -23.34 -5.96
N GLU A 213 17.32 -23.87 -4.73
CA GLU A 213 16.75 -25.19 -4.43
C GLU A 213 15.23 -25.13 -4.58
N LEU A 214 14.61 -24.02 -4.16
CA LEU A 214 13.18 -23.80 -4.27
C LEU A 214 12.70 -23.69 -5.74
N GLU A 215 13.49 -23.07 -6.63
CA GLU A 215 13.11 -22.99 -8.06
C GLU A 215 13.13 -24.40 -8.66
N LYS A 216 14.16 -25.17 -8.35
CA LYS A 216 14.34 -26.50 -8.90
C LYS A 216 13.17 -27.42 -8.52
N VAL A 217 12.77 -27.41 -7.26
CA VAL A 217 11.74 -28.31 -6.78
C VAL A 217 10.32 -27.85 -7.19
N THR A 218 10.07 -26.54 -7.38
CA THR A 218 8.73 -26.08 -7.78
C THR A 218 8.57 -25.89 -9.28
N GLY A 219 9.66 -25.73 -10.01
CA GLY A 219 9.63 -25.49 -11.45
C GLY A 219 9.17 -24.08 -11.80
N ILE A 220 9.27 -23.14 -10.85
CA ILE A 220 8.87 -21.75 -11.02
C ILE A 220 10.11 -20.86 -10.81
N GLN A 221 10.34 -19.91 -11.72
CA GLN A 221 11.49 -19.01 -11.61
C GLN A 221 11.23 -17.96 -10.52
N LEU A 222 12.12 -17.87 -9.54
CA LEU A 222 12.01 -16.97 -8.40
C LEU A 222 13.14 -15.96 -8.39
N LEU A 223 14.35 -16.41 -8.68
CA LEU A 223 15.54 -15.57 -8.73
C LEU A 223 15.64 -14.92 -10.13
N ASN A 224 16.21 -13.69 -10.19
CA ASN A 224 16.39 -12.91 -11.45
C ASN A 224 15.09 -12.48 -12.11
N THR A 225 14.01 -12.52 -11.38
CA THR A 225 12.68 -12.22 -11.83
C THR A 225 12.44 -10.70 -11.96
N PRO A 226 11.52 -10.25 -12.85
CA PRO A 226 11.26 -8.81 -12.97
C PRO A 226 10.70 -8.21 -11.69
N ALA A 227 10.91 -6.90 -11.52
CA ALA A 227 10.43 -6.15 -10.36
C ALA A 227 8.91 -6.21 -10.32
N PRO A 228 8.34 -6.73 -9.24
CA PRO A 228 6.87 -6.84 -9.19
C PRO A 228 6.17 -5.50 -8.96
N LEU A 229 4.87 -5.46 -9.22
CA LEU A 229 4.06 -4.28 -8.95
C LEU A 229 3.85 -4.20 -7.44
N PRO A 230 3.60 -2.99 -6.89
CA PRO A 230 3.31 -2.89 -5.45
C PRO A 230 2.06 -3.70 -5.05
N THR A 231 1.90 -3.96 -3.74
CA THR A 231 0.75 -4.66 -3.19
C THR A 231 -0.51 -3.83 -3.48
N SER A 232 -1.53 -4.47 -4.03
CA SER A 232 -2.80 -3.85 -4.37
C SER A 232 -3.90 -4.14 -3.30
N CYS A 233 -5.05 -3.46 -3.36
CA CYS A 233 -6.17 -3.58 -2.41
C CYS A 233 -7.20 -4.57 -2.84
N ASN A 234 -7.74 -5.34 -1.90
CA ASN A 234 -8.90 -6.18 -2.18
C ASN A 234 -10.03 -5.41 -1.50
N PRO A 235 -10.99 -4.88 -2.28
CA PRO A 235 -12.10 -4.11 -1.70
C PRO A 235 -12.84 -4.76 -0.51
N SER A 236 -13.06 -6.08 -0.55
CA SER A 236 -13.79 -6.78 0.50
C SER A 236 -12.99 -6.93 1.82
N ASP A 237 -11.68 -6.69 1.80
CA ASP A 237 -10.84 -6.75 3.00
C ASP A 237 -10.59 -5.35 3.63
N MET A 238 -11.11 -4.27 3.02
CA MET A 238 -10.90 -2.93 3.53
C MET A 238 -11.93 -2.54 4.56
N SER A 239 -11.53 -1.63 5.47
CA SER A 239 -12.48 -1.04 6.39
C SER A 239 -13.20 0.02 5.56
N HIS A 240 -14.54 -0.03 5.52
CA HIS A 240 -15.32 0.94 4.77
C HIS A 240 -15.97 1.93 5.71
N GLY A 241 -15.73 3.21 5.49
CA GLY A 241 -16.30 4.25 6.32
C GLY A 241 -17.37 5.05 5.61
N TYR A 242 -18.37 5.51 6.38
CA TYR A 242 -19.47 6.29 5.82
C TYR A 242 -19.70 7.48 6.68
N VAL A 243 -19.63 8.67 6.11
CA VAL A 243 -19.83 9.90 6.85
C VAL A 243 -20.91 10.74 6.16
N THR A 244 -21.91 11.23 6.92
CA THR A 244 -22.92 12.11 6.35
C THR A 244 -22.43 13.56 6.53
N VAL A 245 -22.16 14.29 5.43
CA VAL A 245 -21.68 15.67 5.53
C VAL A 245 -22.82 16.72 5.51
N LYS A 246 -23.98 16.34 4.99
CA LYS A 246 -25.18 17.16 4.88
C LYS A 246 -26.37 16.20 4.62
N PRO A 247 -27.63 16.64 4.88
CA PRO A 247 -28.75 15.69 4.83
C PRO A 247 -28.81 14.70 3.68
N ARG A 248 -28.68 15.13 2.42
CA ARG A 248 -28.75 14.13 1.33
C ARG A 248 -27.36 13.65 0.84
N VAL A 249 -26.26 14.10 1.49
CA VAL A 249 -24.92 13.73 1.02
C VAL A 249 -24.10 12.92 2.02
N ARG A 250 -23.78 11.71 1.62
CA ARG A 250 -22.97 10.80 2.42
C ARG A 250 -21.71 10.48 1.62
N LEU A 251 -20.53 10.63 2.23
CA LEU A 251 -19.28 10.28 1.56
C LEU A 251 -18.72 8.94 2.07
N HIS A 252 -18.30 8.10 1.12
CA HIS A 252 -17.72 6.82 1.42
C HIS A 252 -16.20 6.91 1.25
N PHE A 253 -15.47 6.26 2.14
CA PHE A 253 -14.03 6.21 2.06
C PHE A 253 -13.53 4.87 2.55
N VAL A 254 -12.31 4.55 2.18
CA VAL A 254 -11.64 3.34 2.60
C VAL A 254 -10.45 3.80 3.49
N GLU A 255 -10.20 3.09 4.59
CA GLU A 255 -9.20 3.52 5.56
C GLU A 255 -8.16 2.43 5.97
N LEU A 256 -6.88 2.81 6.05
CA LEU A 256 -5.82 1.90 6.42
C LEU A 256 -4.63 2.64 7.04
N GLY A 257 -4.10 2.09 8.14
CA GLY A 257 -2.90 2.60 8.80
C GLY A 257 -3.11 3.52 9.97
N SER A 258 -1.99 3.88 10.59
CA SER A 258 -1.97 4.81 11.71
C SER A 258 -0.87 5.83 11.53
N GLY A 259 -1.08 7.00 12.09
CA GLY A 259 -0.15 8.10 11.95
C GLY A 259 -0.83 9.31 11.35
N PRO A 260 -0.07 10.23 10.74
CA PRO A 260 -0.70 11.43 10.17
C PRO A 260 -1.68 11.11 9.04
N ALA A 261 -2.83 11.79 9.02
CA ALA A 261 -3.87 11.61 8.00
C ALA A 261 -3.46 12.10 6.62
N VAL A 262 -3.73 11.27 5.61
CA VAL A 262 -3.46 11.54 4.20
C VAL A 262 -4.73 11.24 3.44
N CYS A 263 -5.33 12.26 2.83
CA CYS A 263 -6.57 12.12 2.08
CA CYS A 263 -6.56 12.10 2.04
C CYS A 263 -6.25 12.01 0.57
N LEU A 264 -6.76 10.97 -0.10
CA LEU A 264 -6.53 10.80 -1.54
C LEU A 264 -7.77 11.12 -2.36
N CYS A 265 -7.63 11.99 -3.39
CA CYS A 265 -8.75 12.47 -4.21
C CYS A 265 -8.60 12.14 -5.70
N HIS A 266 -9.43 11.23 -6.19
CA HIS A 266 -9.39 10.73 -7.56
C HIS A 266 -9.93 11.71 -8.60
N GLY A 267 -9.72 11.41 -9.89
CA GLY A 267 -10.23 12.24 -10.97
C GLY A 267 -11.41 11.64 -11.74
N PHE A 268 -11.65 12.15 -12.96
CA PHE A 268 -12.75 11.71 -13.81
C PHE A 268 -12.34 10.67 -14.87
N PRO A 269 -13.13 9.60 -15.09
CA PRO A 269 -14.30 9.12 -14.32
C PRO A 269 -13.83 7.93 -13.45
N GLU A 270 -13.32 8.20 -12.23
CA GLU A 270 -12.64 7.15 -11.49
C GLU A 270 -13.35 6.67 -10.18
N SER A 271 -12.59 6.33 -9.14
CA SER A 271 -13.08 5.69 -7.93
C SER A 271 -11.98 5.77 -6.83
N TRP A 272 -12.30 5.41 -5.56
CA TRP A 272 -11.26 5.29 -4.53
C TRP A 272 -10.20 4.23 -4.97
N TYR A 273 -10.66 3.22 -5.72
CA TYR A 273 -9.95 2.09 -6.27
C TYR A 273 -8.79 2.52 -7.19
N SER A 274 -8.82 3.74 -7.75
CA SER A 274 -7.69 4.24 -8.54
C SER A 274 -6.42 4.41 -7.70
N TRP A 275 -6.52 4.44 -6.36
CA TRP A 275 -5.36 4.56 -5.48
C TRP A 275 -4.94 3.21 -4.87
N ARG A 276 -5.46 2.07 -5.41
CA ARG A 276 -5.18 0.72 -4.94
C ARG A 276 -3.70 0.39 -4.75
N TYR A 277 -2.80 0.96 -5.60
CA TYR A 277 -1.39 0.68 -5.45
C TYR A 277 -0.70 1.54 -4.39
N GLN A 278 -1.28 2.70 -3.99
CA GLN A 278 -0.61 3.53 -3.00
C GLN A 278 -1.18 3.37 -1.60
N ILE A 279 -2.43 2.86 -1.43
CA ILE A 279 -3.03 2.70 -0.10
C ILE A 279 -2.16 1.79 0.84
N PRO A 280 -1.71 0.57 0.46
CA PRO A 280 -0.87 -0.21 1.38
C PRO A 280 0.53 0.40 1.59
N ALA A 281 1.15 1.00 0.55
CA ALA A 281 2.49 1.60 0.65
C ALA A 281 2.58 2.79 1.60
N LEU A 282 1.59 3.70 1.52
CA LEU A 282 1.55 4.88 2.36
C LEU A 282 1.24 4.46 3.83
N ALA A 283 0.39 3.42 4.03
CA ALA A 283 0.10 2.95 5.38
C ALA A 283 1.38 2.32 6.01
N GLN A 284 2.14 1.55 5.21
CA GLN A 284 3.38 0.92 5.65
C GLN A 284 4.49 1.97 5.96
N ALA A 285 4.50 3.10 5.24
CA ALA A 285 5.45 4.18 5.51
C ALA A 285 5.15 4.94 6.81
N GLY A 286 4.00 4.69 7.45
CA GLY A 286 3.65 5.33 8.72
C GLY A 286 2.56 6.40 8.62
N TYR A 287 1.61 6.21 7.70
CA TYR A 287 0.53 7.18 7.54
C TYR A 287 -0.85 6.54 7.61
N ARG A 288 -1.85 7.31 8.03
CA ARG A 288 -3.22 6.87 8.06
C ARG A 288 -3.84 7.38 6.76
N VAL A 289 -4.13 6.48 5.83
CA VAL A 289 -4.66 6.78 4.51
C VAL A 289 -6.19 6.76 4.49
N LEU A 290 -6.80 7.77 3.88
CA LEU A 290 -8.23 7.85 3.70
C LEU A 290 -8.44 8.06 2.20
N ALA A 291 -8.90 7.04 1.48
CA ALA A 291 -9.10 7.14 0.03
C ALA A 291 -10.60 7.30 -0.21
N MET A 292 -10.97 8.43 -0.78
CA MET A 292 -12.35 8.80 -0.98
C MET A 292 -13.00 8.30 -2.25
N ASP A 293 -14.34 8.14 -2.19
CA ASP A 293 -15.17 8.05 -3.38
C ASP A 293 -15.64 9.52 -3.42
N MET A 294 -15.19 10.32 -4.39
CA MET A 294 -15.61 11.73 -4.46
C MET A 294 -17.12 11.82 -4.69
N LYS A 295 -17.74 12.98 -4.42
CA LYS A 295 -19.17 13.15 -4.62
C LYS A 295 -19.57 12.86 -6.08
N GLY A 296 -20.61 12.05 -6.26
CA GLY A 296 -21.13 11.66 -7.56
C GLY A 296 -20.70 10.26 -8.00
N TYR A 297 -19.78 9.66 -7.25
CA TYR A 297 -19.12 8.39 -7.53
C TYR A 297 -19.32 7.29 -6.46
N GLY A 298 -19.35 6.06 -6.94
CA GLY A 298 -19.42 4.81 -6.18
C GLY A 298 -20.47 4.79 -5.10
N GLU A 299 -20.02 4.56 -3.86
CA GLU A 299 -20.91 4.54 -2.70
C GLU A 299 -21.19 5.90 -2.09
N SER A 300 -20.59 6.97 -2.63
CA SER A 300 -20.87 8.31 -2.16
C SER A 300 -22.18 8.77 -2.83
N SER A 301 -22.86 9.74 -2.21
CA SER A 301 -24.11 10.25 -2.78
C SER A 301 -23.89 10.91 -4.12
N ALA A 302 -24.91 10.87 -4.98
CA ALA A 302 -24.87 11.43 -6.30
C ALA A 302 -26.15 12.24 -6.63
N PRO A 303 -26.36 13.41 -6.00
CA PRO A 303 -27.54 14.23 -6.36
C PRO A 303 -27.48 14.67 -7.82
N PRO A 304 -28.63 14.78 -8.50
CA PRO A 304 -28.59 15.11 -9.95
C PRO A 304 -28.34 16.57 -10.32
N GLU A 305 -28.57 17.50 -9.39
CA GLU A 305 -28.43 18.94 -9.66
C GLU A 305 -27.01 19.34 -10.01
N ILE A 306 -26.83 20.13 -11.06
CA ILE A 306 -25.53 20.58 -11.54
C ILE A 306 -24.70 21.35 -10.49
N GLU A 307 -25.30 22.34 -9.84
CA GLU A 307 -24.65 23.18 -8.83
C GLU A 307 -24.17 22.45 -7.59
N GLU A 308 -24.60 21.19 -7.40
CA GLU A 308 -24.11 20.36 -6.29
C GLU A 308 -22.62 19.95 -6.50
N TYR A 309 -22.04 20.26 -7.66
CA TYR A 309 -20.69 19.87 -8.02
C TYR A 309 -19.76 21.02 -8.34
N CYS A 310 -20.13 22.25 -7.98
CA CYS A 310 -19.21 23.38 -8.17
C CYS A 310 -18.11 23.25 -7.07
N MET A 311 -16.91 23.76 -7.39
CA MET A 311 -15.73 23.68 -6.51
C MET A 311 -15.96 24.17 -5.07
N GLU A 312 -16.73 25.25 -4.91
CA GLU A 312 -17.04 25.82 -3.61
C GLU A 312 -17.78 24.81 -2.71
N VAL A 313 -18.83 24.15 -3.23
CA VAL A 313 -19.61 23.17 -2.49
C VAL A 313 -18.75 21.96 -2.16
N LEU A 314 -17.99 21.49 -3.15
CA LEU A 314 -17.11 20.35 -3.01
C LEU A 314 -16.06 20.54 -1.90
N CYS A 315 -15.35 21.70 -1.87
CA CYS A 315 -14.34 21.99 -0.86
C CYS A 315 -14.93 22.12 0.53
N LYS A 316 -16.11 22.73 0.65
CA LYS A 316 -16.80 22.92 1.92
C LYS A 316 -17.17 21.54 2.52
N GLU A 317 -17.61 20.60 1.66
CA GLU A 317 -17.97 19.26 2.14
C GLU A 317 -16.75 18.46 2.60
N MET A 318 -15.55 18.75 2.03
CA MET A 318 -14.29 18.11 2.43
C MET A 318 -13.84 18.59 3.81
N VAL A 319 -14.10 19.86 4.13
CA VAL A 319 -13.78 20.40 5.45
C VAL A 319 -14.71 19.77 6.48
N THR A 320 -16.01 19.66 6.17
CA THR A 320 -17.00 19.02 7.03
C THR A 320 -16.63 17.57 7.29
N PHE A 321 -16.14 16.88 6.25
CA PHE A 321 -15.66 15.49 6.34
C PHE A 321 -14.56 15.38 7.43
N LEU A 322 -13.56 16.31 7.44
CA LEU A 322 -12.51 16.36 8.47
C LEU A 322 -13.09 16.64 9.88
N ASP A 323 -14.03 17.61 9.97
CA ASP A 323 -14.71 17.93 11.23
C ASP A 323 -15.41 16.70 11.81
N LYS A 324 -16.25 15.99 11.03
CA LYS A 324 -16.98 14.83 11.55
C LYS A 324 -16.05 13.68 11.95
N LEU A 325 -14.86 13.60 11.35
CA LEU A 325 -13.90 12.57 11.71
C LEU A 325 -12.98 12.97 12.88
N GLY A 326 -12.98 14.25 13.26
CA GLY A 326 -12.16 14.74 14.35
C GLY A 326 -10.72 14.98 13.94
N LEU A 327 -10.50 15.36 12.68
CA LEU A 327 -9.17 15.64 12.16
C LEU A 327 -9.00 17.12 11.99
N SER A 328 -8.05 17.73 12.70
CA SER A 328 -7.77 19.16 12.54
C SER A 328 -7.07 19.44 11.22
N GLN A 329 -6.25 18.50 10.76
CA GLN A 329 -5.49 18.61 9.52
C GLN A 329 -5.34 17.26 8.84
N ALA A 330 -5.11 17.31 7.52
CA ALA A 330 -4.74 16.18 6.70
C ALA A 330 -3.85 16.67 5.54
N VAL A 331 -3.01 15.77 5.03
CA VAL A 331 -2.24 16.03 3.85
C VAL A 331 -3.23 15.71 2.70
N PHE A 332 -3.34 16.60 1.70
CA PHE A 332 -4.25 16.35 0.58
C PHE A 332 -3.50 16.02 -0.70
N ILE A 333 -3.78 14.84 -1.29
CA ILE A 333 -3.15 14.43 -2.54
C ILE A 333 -4.24 14.17 -3.59
N GLY A 334 -4.20 14.90 -4.69
CA GLY A 334 -5.20 14.75 -5.74
C GLY A 334 -4.61 14.44 -7.11
N HIS A 335 -5.44 13.93 -8.01
CA HIS A 335 -5.07 13.62 -9.40
C HIS A 335 -6.24 14.04 -10.29
N ASP A 336 -5.95 14.68 -11.44
CA ASP A 336 -6.95 15.11 -12.39
C ASP A 336 -7.93 16.11 -11.74
N TRP A 337 -9.27 15.90 -11.77
CA TRP A 337 -10.22 16.79 -11.12
C TRP A 337 -9.96 16.94 -9.63
N GLY A 338 -9.51 15.85 -8.98
CA GLY A 338 -9.14 15.86 -7.57
C GLY A 338 -7.92 16.71 -7.27
N GLY A 339 -7.04 16.83 -8.25
CA GLY A 339 -5.82 17.62 -8.16
C GLY A 339 -6.15 19.10 -8.21
N MET A 340 -7.15 19.47 -9.05
CA MET A 340 -7.63 20.83 -9.13
C MET A 340 -8.27 21.22 -7.80
N LEU A 341 -9.08 20.30 -7.23
CA LEU A 341 -9.73 20.50 -5.93
C LEU A 341 -8.73 20.72 -4.77
N VAL A 342 -7.61 19.93 -4.69
CA VAL A 342 -6.67 20.08 -3.58
C VAL A 342 -5.92 21.43 -3.64
N TRP A 343 -5.64 21.99 -4.85
CA TRP A 343 -5.00 23.30 -4.92
C TRP A 343 -5.91 24.36 -4.35
N TYR A 344 -7.21 24.27 -4.64
CA TYR A 344 -8.17 25.21 -4.12
C TYR A 344 -8.44 24.98 -2.62
N MET A 345 -8.26 23.74 -2.10
CA MET A 345 -8.36 23.52 -0.65
C MET A 345 -7.20 24.28 0.05
N ALA A 346 -5.99 24.27 -0.54
CA ALA A 346 -4.84 24.94 0.03
C ALA A 346 -4.99 26.47 0.01
N LEU A 347 -5.63 27.00 -1.07
CA LEU A 347 -5.87 28.42 -1.23
C LEU A 347 -6.98 28.97 -0.34
N PHE A 348 -7.98 28.12 -0.03
CA PHE A 348 -9.14 28.56 0.73
C PHE A 348 -9.19 28.09 2.18
N TYR A 349 -8.54 26.98 2.52
CA TYR A 349 -8.50 26.44 3.89
C TYR A 349 -7.07 26.00 4.25
N PRO A 350 -6.05 26.89 4.20
CA PRO A 350 -4.67 26.44 4.49
C PRO A 350 -4.46 25.84 5.88
N GLU A 351 -5.26 26.24 6.86
CA GLU A 351 -5.12 25.70 8.21
C GLU A 351 -5.52 24.23 8.31
N ARG A 352 -6.38 23.73 7.41
CA ARG A 352 -6.79 22.33 7.46
C ARG A 352 -5.90 21.41 6.61
N VAL A 353 -4.98 21.99 5.85
CA VAL A 353 -4.11 21.29 4.95
C VAL A 353 -2.67 21.29 5.50
N ARG A 354 -2.16 20.12 5.95
CA ARG A 354 -0.79 19.98 6.45
C ARG A 354 0.19 20.20 5.30
N ALA A 355 -0.09 19.56 4.15
CA ALA A 355 0.70 19.67 2.91
C ALA A 355 -0.20 19.31 1.72
N VAL A 356 0.15 19.80 0.52
CA VAL A 356 -0.68 19.56 -0.66
C VAL A 356 0.12 19.03 -1.88
N ALA A 357 -0.35 17.93 -2.49
CA ALA A 357 0.31 17.39 -3.67
C ALA A 357 -0.67 17.15 -4.84
N SER A 358 -0.25 17.49 -6.07
CA SER A 358 -1.06 17.22 -7.26
C SER A 358 -0.34 16.35 -8.28
N LEU A 359 -1.06 15.37 -8.85
CA LEU A 359 -0.54 14.51 -9.92
C LEU A 359 -1.18 15.02 -11.20
N ASN A 360 -0.36 15.44 -12.20
CA ASN A 360 -0.72 15.91 -13.55
C ASN A 360 -1.31 17.30 -13.62
N THR A 361 -2.23 17.60 -12.70
CA THR A 361 -2.96 18.86 -12.70
C THR A 361 -2.14 20.02 -12.18
N PRO A 362 -1.85 20.99 -13.05
CA PRO A 362 -1.13 22.18 -12.57
C PRO A 362 -2.08 23.15 -11.84
N PHE A 363 -1.49 24.09 -11.10
CA PHE A 363 -2.29 25.12 -10.47
C PHE A 363 -2.55 26.14 -11.59
N ILE A 364 -3.82 26.27 -11.98
CA ILE A 364 -4.23 27.20 -13.01
C ILE A 364 -4.96 28.36 -12.37
N PRO A 365 -4.35 29.56 -12.35
CA PRO A 365 -5.06 30.71 -11.78
C PRO A 365 -6.11 31.22 -12.77
N ALA A 366 -7.23 31.74 -12.25
CA ALA A 366 -8.29 32.25 -13.11
C ALA A 366 -7.84 33.53 -13.83
N ASN A 367 -8.24 33.69 -15.08
CA ASN A 367 -7.95 34.89 -15.85
C ASN A 367 -9.20 35.76 -15.74
N PRO A 368 -9.09 36.91 -15.06
CA PRO A 368 -10.28 37.78 -14.91
C PRO A 368 -10.75 38.46 -16.20
N ASN A 369 -9.91 38.47 -17.23
CA ASN A 369 -10.25 39.08 -18.51
C ASN A 369 -10.75 38.11 -19.55
N MET A 370 -11.05 36.85 -19.17
CA MET A 370 -11.50 35.87 -20.14
C MET A 370 -12.31 34.77 -19.52
N SER A 371 -13.49 34.53 -20.09
CA SER A 371 -14.40 33.45 -19.68
C SER A 371 -13.67 32.10 -19.86
N PRO A 372 -13.85 31.14 -18.95
CA PRO A 372 -13.17 29.85 -19.10
C PRO A 372 -13.60 29.10 -20.38
N LEU A 373 -14.86 29.25 -20.79
CA LEU A 373 -15.41 28.63 -21.99
C LEU A 373 -14.75 29.17 -23.26
N GLU A 374 -14.30 30.44 -23.25
CA GLU A 374 -13.61 31.04 -24.38
C GLU A 374 -12.15 30.59 -24.44
N SER A 375 -11.51 30.38 -23.27
CA SER A 375 -10.15 29.87 -23.19
C SER A 375 -10.13 28.40 -23.66
N ILE A 376 -11.21 27.62 -23.40
CA ILE A 376 -11.35 26.23 -23.82
C ILE A 376 -11.39 26.16 -25.36
N LYS A 377 -12.10 27.10 -26.00
CA LYS A 377 -12.18 27.14 -27.47
C LYS A 377 -10.85 27.50 -28.17
N ALA A 378 -9.93 28.15 -27.45
CA ALA A 378 -8.61 28.52 -28.00
C ALA A 378 -7.69 27.28 -28.18
N ASN A 379 -7.92 26.21 -27.40
CA ASN A 379 -7.14 24.97 -27.46
C ASN A 379 -7.99 23.83 -28.02
N PRO A 380 -7.61 23.28 -29.19
CA PRO A 380 -8.40 22.17 -29.77
C PRO A 380 -8.38 20.88 -28.95
N VAL A 381 -7.38 20.71 -28.07
CA VAL A 381 -7.22 19.55 -27.19
C VAL A 381 -8.38 19.44 -26.19
N PHE A 382 -8.93 20.59 -25.76
CA PHE A 382 -10.02 20.71 -24.79
C PHE A 382 -11.43 20.66 -25.39
N ASP A 383 -11.55 20.26 -26.67
CA ASP A 383 -12.83 20.18 -27.37
C ASP A 383 -13.83 19.22 -26.72
N TYR A 384 -13.35 18.12 -26.13
CA TYR A 384 -14.23 17.17 -25.43
C TYR A 384 -14.98 17.87 -24.26
N GLN A 385 -14.41 18.95 -23.68
CA GLN A 385 -15.06 19.69 -22.61
C GLN A 385 -16.35 20.37 -23.09
N LEU A 386 -16.37 20.87 -24.35
CA LEU A 386 -17.56 21.52 -24.92
C LEU A 386 -18.67 20.49 -25.16
N TYR A 387 -18.29 19.27 -25.54
CA TYR A 387 -19.20 18.16 -25.76
C TYR A 387 -19.89 17.74 -24.43
N PHE A 388 -19.17 17.87 -23.32
CA PHE A 388 -19.67 17.52 -22.00
C PHE A 388 -20.70 18.50 -21.44
N GLN A 389 -20.86 19.68 -22.05
CA GLN A 389 -21.75 20.71 -21.50
C GLN A 389 -23.23 20.41 -21.56
N GLU A 390 -23.75 19.85 -22.66
CA GLU A 390 -25.18 19.58 -22.81
C GLU A 390 -25.66 18.39 -21.98
N PRO A 391 -26.54 18.62 -20.98
CA PRO A 391 -26.98 17.50 -20.14
C PRO A 391 -27.71 16.43 -20.92
N GLY A 392 -27.33 15.18 -20.68
CA GLY A 392 -27.94 14.02 -21.31
C GLY A 392 -27.19 13.50 -22.52
N VAL A 393 -26.52 14.38 -23.26
CA VAL A 393 -25.81 13.98 -24.47
C VAL A 393 -24.64 13.04 -24.17
N ALA A 394 -23.63 13.46 -23.38
CA ALA A 394 -22.49 12.59 -23.11
C ALA A 394 -22.88 11.41 -22.23
N GLU A 395 -23.87 11.59 -21.33
CA GLU A 395 -24.34 10.51 -20.45
C GLU A 395 -24.82 9.31 -21.25
N ALA A 396 -25.67 9.54 -22.27
CA ALA A 396 -26.23 8.47 -23.09
C ALA A 396 -25.14 7.69 -23.80
N GLU A 397 -24.12 8.40 -24.33
CA GLU A 397 -23.03 7.72 -25.01
C GLU A 397 -22.13 6.93 -24.07
N LEU A 398 -21.84 7.46 -22.86
CA LEU A 398 -20.95 6.77 -21.92
C LEU A 398 -21.64 5.65 -21.14
N GLU A 399 -22.97 5.74 -20.96
CA GLU A 399 -23.71 4.70 -20.23
C GLU A 399 -24.23 3.56 -21.13
N GLN A 400 -24.24 3.79 -22.46
CA GLN A 400 -24.72 2.82 -23.41
C GLN A 400 -24.01 1.48 -23.30
N ASN A 401 -22.67 1.50 -23.12
CA ASN A 401 -21.87 0.28 -22.95
C ASN A 401 -20.73 0.59 -21.96
N LEU A 402 -20.91 0.24 -20.69
CA LEU A 402 -19.94 0.54 -19.63
C LEU A 402 -18.59 -0.10 -19.84
N SER A 403 -18.56 -1.35 -20.31
CA SER A 403 -17.31 -2.05 -20.57
C SER A 403 -16.46 -1.31 -21.58
N ARG A 404 -17.10 -0.87 -22.68
CA ARG A 404 -16.46 -0.17 -23.78
C ARG A 404 -15.90 1.16 -23.26
N THR A 405 -16.70 1.91 -22.48
CA THR A 405 -16.29 3.18 -21.91
C THR A 405 -14.97 3.10 -21.13
N PHE A 406 -14.85 2.16 -20.17
CA PHE A 406 -13.67 2.05 -19.35
C PHE A 406 -12.48 1.43 -20.08
N LYS A 407 -12.74 0.55 -21.06
CA LYS A 407 -11.67 -0.05 -21.84
C LYS A 407 -11.05 0.95 -22.83
N SER A 408 -11.87 1.86 -23.38
CA SER A 408 -11.40 2.89 -24.31
C SER A 408 -10.64 4.00 -23.58
N LEU A 409 -11.01 4.30 -22.33
CA LEU A 409 -10.39 5.39 -21.59
C LEU A 409 -9.10 4.98 -20.88
N PHE A 410 -9.12 3.89 -20.13
CA PHE A 410 -7.97 3.48 -19.30
C PHE A 410 -6.90 2.82 -20.12
N ARG A 411 -6.08 3.63 -20.77
CA ARG A 411 -5.04 3.11 -21.65
C ARG A 411 -3.70 3.76 -21.39
N ALA A 412 -2.62 3.01 -21.60
CA ALA A 412 -1.26 3.56 -21.49
C ALA A 412 -0.99 4.47 -22.70
N SER A 413 0.05 5.32 -22.63
CA SER A 413 0.30 6.34 -23.65
C SER A 413 0.35 5.88 -25.12
N ASP A 414 0.90 4.69 -25.36
CA ASP A 414 0.99 4.16 -26.71
C ASP A 414 -0.22 3.30 -27.14
N GLU A 415 -1.32 3.30 -26.34
CA GLU A 415 -2.49 2.50 -26.68
C GLU A 415 -3.74 3.30 -26.99
N SER A 416 -3.63 4.63 -27.10
CA SER A 416 -4.76 5.52 -27.36
C SER A 416 -5.64 5.11 -28.54
N VAL A 417 -6.95 4.96 -28.30
CA VAL A 417 -7.92 4.65 -29.36
C VAL A 417 -8.89 5.82 -29.65
N LEU A 418 -8.87 6.87 -28.82
CA LEU A 418 -9.75 8.02 -29.02
C LEU A 418 -8.99 9.25 -29.45
N SER A 419 -9.67 10.15 -30.16
CA SER A 419 -9.09 11.44 -30.56
C SER A 419 -9.89 12.50 -29.83
N MET A 420 -9.28 13.12 -28.81
CA MET A 420 -9.93 14.09 -27.94
C MET A 420 -10.17 15.48 -28.59
N HIS A 421 -9.74 15.65 -29.84
CA HIS A 421 -10.00 16.88 -30.60
C HIS A 421 -11.02 16.58 -31.70
N LYS A 422 -11.82 17.57 -32.09
CA LYS A 422 -12.88 17.42 -33.09
C LYS A 422 -13.99 16.43 -32.64
N VAL A 423 -14.15 16.26 -31.31
CA VAL A 423 -15.16 15.41 -30.68
C VAL A 423 -16.55 15.97 -31.02
N CYS A 424 -16.71 17.29 -30.98
CA CYS A 424 -17.97 17.94 -31.31
C CYS A 424 -18.29 17.80 -32.79
N GLU A 425 -17.31 18.07 -33.68
CA GLU A 425 -17.49 17.95 -35.11
C GLU A 425 -17.88 16.52 -35.53
N ALA A 426 -17.27 15.50 -34.90
CA ALA A 426 -17.59 14.11 -35.20
C ALA A 426 -18.96 13.68 -34.67
N GLY A 427 -19.39 14.27 -33.56
CA GLY A 427 -20.67 13.94 -32.96
C GLY A 427 -20.61 12.89 -31.87
N GLY A 428 -19.47 12.80 -31.21
CA GLY A 428 -19.29 11.84 -30.13
C GLY A 428 -17.84 11.51 -29.86
N LEU A 429 -17.58 10.89 -28.72
CA LEU A 429 -16.25 10.46 -28.33
C LEU A 429 -15.87 9.14 -29.00
N PHE A 430 -16.86 8.27 -29.24
CA PHE A 430 -16.65 6.93 -29.78
C PHE A 430 -17.04 6.78 -31.26
N VAL A 431 -17.13 7.89 -32.01
CA VAL A 431 -17.52 7.89 -33.42
C VAL A 431 -16.61 7.02 -34.32
N ASN A 432 -15.28 7.24 -34.31
CA ASN A 432 -14.39 6.40 -35.12
C ASN A 432 -13.55 5.46 -34.23
N SER A 433 -14.15 5.04 -33.12
CA SER A 433 -13.57 4.20 -32.07
C SER A 433 -14.07 2.76 -32.23
N PRO A 434 -13.23 1.77 -31.89
CA PRO A 434 -13.70 0.37 -31.97
C PRO A 434 -14.82 0.09 -30.96
N GLU A 435 -15.80 -0.71 -31.37
CA GLU A 435 -16.92 -1.06 -30.50
C GLU A 435 -16.52 -2.09 -29.41
N GLU A 436 -15.40 -2.79 -29.59
CA GLU A 436 -14.87 -3.74 -28.63
C GLU A 436 -13.37 -3.48 -28.56
N PRO A 437 -12.92 -2.52 -27.74
CA PRO A 437 -11.48 -2.22 -27.69
C PRO A 437 -10.66 -3.30 -26.99
N SER A 438 -9.37 -3.37 -27.30
CA SER A 438 -8.48 -4.34 -26.66
C SER A 438 -8.21 -3.94 -25.19
N LEU A 439 -7.87 -4.91 -24.35
CA LEU A 439 -7.57 -4.61 -22.95
C LEU A 439 -6.18 -4.03 -22.87
N SER A 440 -6.04 -2.86 -22.23
CA SER A 440 -4.76 -2.22 -22.04
C SER A 440 -3.88 -3.07 -21.12
N ARG A 441 -2.55 -2.97 -21.28
CA ARG A 441 -1.60 -3.70 -20.42
C ARG A 441 -1.58 -3.18 -18.95
N MET A 442 -2.12 -1.97 -18.75
CA MET A 442 -2.19 -1.26 -17.50
C MET A 442 -3.21 -1.87 -16.56
N VAL A 443 -4.33 -2.42 -17.09
CA VAL A 443 -5.41 -2.94 -16.26
C VAL A 443 -5.83 -4.35 -16.59
N THR A 444 -6.48 -5.03 -15.64
CA THR A 444 -7.02 -6.38 -15.86
C THR A 444 -8.55 -6.30 -16.04
N GLU A 445 -9.17 -7.35 -16.57
CA GLU A 445 -10.62 -7.39 -16.78
C GLU A 445 -11.35 -7.27 -15.44
N GLU A 446 -10.80 -7.90 -14.38
CA GLU A 446 -11.37 -7.86 -13.04
C GLU A 446 -11.37 -6.43 -12.49
N GLU A 447 -10.29 -5.67 -12.72
CA GLU A 447 -10.18 -4.27 -12.32
C GLU A 447 -11.17 -3.41 -13.06
N ILE A 448 -11.34 -3.65 -14.38
CA ILE A 448 -12.30 -2.93 -15.21
C ILE A 448 -13.73 -3.18 -14.72
N GLN A 449 -14.03 -4.45 -14.35
CA GLN A 449 -15.36 -4.83 -13.88
C GLN A 449 -15.75 -4.14 -12.57
N PHE A 450 -14.75 -3.76 -11.73
CA PHE A 450 -15.01 -3.03 -10.49
C PHE A 450 -15.60 -1.67 -10.84
N TYR A 451 -14.99 -0.98 -11.82
CA TYR A 451 -15.47 0.33 -12.24
C TYR A 451 -16.83 0.21 -12.91
N VAL A 452 -17.04 -0.87 -13.69
CA VAL A 452 -18.31 -1.09 -14.37
C VAL A 452 -19.42 -1.28 -13.30
N GLN A 453 -19.16 -2.12 -12.29
CA GLN A 453 -20.08 -2.37 -11.18
C GLN A 453 -20.39 -1.07 -10.42
N GLN A 454 -19.37 -0.26 -10.12
CA GLN A 454 -19.59 1.00 -9.41
C GLN A 454 -20.38 2.02 -10.24
N PHE A 455 -20.16 2.06 -11.56
CA PHE A 455 -20.88 3.02 -12.40
C PHE A 455 -22.30 2.52 -12.84
N LYS A 456 -22.62 1.25 -12.56
CA LYS A 456 -23.96 0.70 -12.80
C LYS A 456 -24.96 1.32 -11.81
N LYS A 457 -24.50 1.61 -10.59
CA LYS A 457 -25.34 2.23 -9.57
C LYS A 457 -25.52 3.72 -9.88
N SER A 458 -24.42 4.50 -9.92
CA SER A 458 -24.48 5.94 -10.10
C SER A 458 -24.80 6.47 -11.50
N GLY A 459 -24.13 5.96 -12.52
CA GLY A 459 -24.20 6.53 -13.85
C GLY A 459 -23.19 7.67 -13.99
N PHE A 460 -23.25 8.39 -15.12
CA PHE A 460 -22.32 9.47 -15.41
C PHE A 460 -22.84 10.86 -15.16
N ARG A 461 -24.08 11.02 -14.70
CA ARG A 461 -24.61 12.35 -14.47
C ARG A 461 -23.78 13.16 -13.44
N GLY A 462 -23.63 12.64 -12.23
CA GLY A 462 -22.84 13.28 -11.17
C GLY A 462 -21.42 13.62 -11.60
N PRO A 463 -20.66 12.62 -12.06
CA PRO A 463 -19.31 12.88 -12.55
C PRO A 463 -19.22 13.94 -13.67
N LEU A 464 -20.14 13.94 -14.64
CA LEU A 464 -20.14 14.92 -15.74
C LEU A 464 -20.47 16.31 -15.26
N ASN A 465 -21.30 16.44 -14.21
CA ASN A 465 -21.63 17.72 -13.62
C ASN A 465 -20.41 18.48 -13.06
N TRP A 466 -19.26 17.81 -12.79
CA TRP A 466 -18.05 18.54 -12.33
C TRP A 466 -17.60 19.54 -13.45
N TYR A 467 -17.86 19.20 -14.75
CA TYR A 467 -17.54 20.02 -15.93
C TYR A 467 -18.58 21.09 -16.26
N ARG A 468 -19.77 21.06 -15.63
CA ARG A 468 -20.86 21.97 -15.99
C ARG A 468 -21.01 23.19 -15.05
N ASN A 469 -19.91 23.59 -14.41
CA ASN A 469 -19.87 24.74 -13.52
C ASN A 469 -18.71 25.68 -13.86
N MET A 470 -18.27 25.72 -15.14
CA MET A 470 -17.14 26.57 -15.54
C MET A 470 -17.23 28.05 -15.10
N GLU A 471 -18.36 28.72 -15.34
CA GLU A 471 -18.54 30.11 -14.97
C GLU A 471 -18.56 30.32 -13.46
N ARG A 472 -19.28 29.43 -12.76
CA ARG A 472 -19.40 29.49 -11.31
C ARG A 472 -18.06 29.25 -10.62
N ASN A 473 -17.25 28.32 -11.12
CA ASN A 473 -15.93 28.04 -10.56
C ASN A 473 -14.97 29.20 -10.81
N TRP A 474 -15.07 29.82 -12.01
CA TRP A 474 -14.25 30.95 -12.46
C TRP A 474 -14.46 32.17 -11.55
N LYS A 475 -15.73 32.48 -11.23
CA LYS A 475 -16.04 33.58 -10.35
C LYS A 475 -15.49 33.31 -8.95
N TRP A 476 -15.68 32.09 -8.43
CA TRP A 476 -15.17 31.74 -7.11
C TRP A 476 -13.62 31.80 -7.02
N ALA A 477 -12.92 31.35 -8.07
CA ALA A 477 -11.46 31.34 -8.11
C ALA A 477 -10.84 32.74 -8.13
N CYS A 478 -11.52 33.70 -8.77
CA CYS A 478 -11.05 35.07 -8.88
C CYS A 478 -10.77 35.72 -7.52
N LYS A 479 -11.47 35.26 -6.46
CA LYS A 479 -11.30 35.74 -5.09
C LYS A 479 -9.88 35.47 -4.54
N SER A 480 -9.17 34.47 -5.09
CA SER A 480 -7.87 34.09 -4.59
C SER A 480 -6.68 34.61 -5.39
N LEU A 481 -6.90 35.58 -6.31
CA LEU A 481 -5.86 36.08 -7.21
C LEU A 481 -4.68 36.80 -6.52
N GLY A 482 -4.92 37.39 -5.36
CA GLY A 482 -3.86 38.06 -4.62
C GLY A 482 -3.11 37.17 -3.65
N ARG A 483 -3.50 35.89 -3.54
CA ARG A 483 -2.88 34.94 -2.61
C ARG A 483 -1.69 34.18 -3.18
N LYS A 484 -0.91 33.60 -2.28
CA LYS A 484 0.19 32.71 -2.65
C LYS A 484 0.06 31.41 -1.83
N ILE A 485 0.55 30.29 -2.36
CA ILE A 485 0.50 29.03 -1.64
C ILE A 485 1.84 28.93 -0.94
N LEU A 486 1.85 29.10 0.38
CA LEU A 486 3.08 29.13 1.17
C LEU A 486 3.24 27.94 2.13
N ILE A 487 2.36 26.92 2.01
CA ILE A 487 2.47 25.69 2.78
C ILE A 487 3.23 24.65 1.94
N PRO A 488 3.73 23.53 2.53
CA PRO A 488 4.48 22.55 1.71
C PRO A 488 3.64 22.01 0.55
N ALA A 489 4.24 22.07 -0.67
CA ALA A 489 3.56 21.69 -1.90
C ALA A 489 4.41 20.88 -2.87
N LEU A 490 3.78 19.92 -3.55
CA LEU A 490 4.42 19.05 -4.52
C LEU A 490 3.62 19.01 -5.84
N MET A 491 4.32 19.22 -6.97
CA MET A 491 3.68 19.14 -8.28
C MET A 491 4.36 18.00 -9.01
N VAL A 492 3.59 17.00 -9.43
CA VAL A 492 4.15 15.89 -10.19
C VAL A 492 3.65 15.95 -11.61
N THR A 493 4.56 16.09 -12.60
CA THR A 493 4.15 16.09 -14.01
C THR A 493 4.32 14.71 -14.65
N ALA A 494 3.51 14.43 -15.67
CA ALA A 494 3.55 13.17 -16.39
C ALA A 494 3.85 13.52 -17.84
N GLU A 495 5.01 13.10 -18.33
CA GLU A 495 5.55 13.38 -19.66
C GLU A 495 4.58 13.20 -20.83
N LYS A 496 3.85 12.08 -20.84
CA LYS A 496 3.00 11.73 -21.95
C LYS A 496 1.50 12.01 -21.78
N ASP A 497 1.12 12.90 -20.84
CA ASP A 497 -0.29 13.29 -20.72
C ASP A 497 -0.49 14.35 -21.82
N PHE A 498 -1.26 14.01 -22.86
CA PHE A 498 -1.47 14.92 -23.99
C PHE A 498 -2.48 16.03 -23.72
N VAL A 499 -3.26 15.94 -22.65
CA VAL A 499 -4.23 17.00 -22.32
C VAL A 499 -3.62 17.89 -21.20
N LEU A 500 -3.06 17.27 -20.17
CA LEU A 500 -2.40 18.00 -19.08
C LEU A 500 -0.88 17.89 -19.29
N VAL A 501 -0.35 18.64 -20.27
CA VAL A 501 1.08 18.61 -20.64
C VAL A 501 1.96 19.26 -19.55
N PRO A 502 3.18 18.76 -19.36
CA PRO A 502 4.07 19.33 -18.33
C PRO A 502 4.36 20.83 -18.48
N GLN A 503 4.36 21.35 -19.73
CA GLN A 503 4.60 22.77 -20.02
C GLN A 503 3.52 23.66 -19.44
N MET A 504 2.28 23.15 -19.26
CA MET A 504 1.19 23.93 -18.65
C MET A 504 1.46 24.28 -17.17
N SER A 505 2.51 23.70 -16.55
CA SER A 505 2.83 23.97 -15.14
C SER A 505 4.04 24.89 -14.93
N GLN A 506 4.66 25.39 -15.99
CA GLN A 506 5.90 26.15 -15.89
C GLN A 506 5.86 27.46 -15.09
N HIS A 507 4.72 28.17 -15.05
CA HIS A 507 4.65 29.43 -14.32
C HIS A 507 4.15 29.29 -12.87
N MET A 508 4.09 28.05 -12.35
CA MET A 508 3.59 27.77 -10.99
C MET A 508 4.44 28.35 -9.88
N GLU A 509 5.76 28.52 -10.12
CA GLU A 509 6.66 29.09 -9.10
C GLU A 509 6.31 30.51 -8.71
N ASP A 510 5.68 31.26 -9.62
CA ASP A 510 5.22 32.63 -9.33
C ASP A 510 4.16 32.63 -8.21
N TRP A 511 3.37 31.54 -8.10
CA TRP A 511 2.30 31.44 -7.10
C TRP A 511 2.66 30.59 -5.90
N ILE A 512 3.61 29.65 -6.05
CA ILE A 512 4.00 28.70 -5.00
C ILE A 512 5.52 28.74 -5.00
N PRO A 513 6.13 29.77 -4.36
CA PRO A 513 7.58 29.98 -4.51
C PRO A 513 8.51 28.86 -4.05
N HIS A 514 8.12 28.12 -3.00
CA HIS A 514 8.95 27.03 -2.53
C HIS A 514 8.43 25.65 -2.98
N LEU A 515 7.74 25.61 -4.14
CA LEU A 515 7.20 24.39 -4.72
C LEU A 515 8.28 23.37 -4.98
N LYS A 516 8.02 22.12 -4.60
CA LYS A 516 8.90 20.99 -4.90
C LYS A 516 8.31 20.30 -6.12
N ARG A 517 9.17 19.67 -6.93
CA ARG A 517 8.72 19.02 -8.14
C ARG A 517 9.11 17.56 -8.24
N GLY A 518 8.29 16.86 -8.98
CA GLY A 518 8.43 15.47 -9.39
C GLY A 518 8.09 15.38 -10.86
N HIS A 519 8.71 14.47 -11.57
CA HIS A 519 8.42 14.28 -12.99
C HIS A 519 8.55 12.83 -13.32
N ILE A 520 7.56 12.30 -14.02
CA ILE A 520 7.57 10.88 -14.39
C ILE A 520 7.61 10.76 -15.91
N GLU A 521 8.65 10.09 -16.41
CA GLU A 521 8.80 9.87 -17.85
C GLU A 521 7.93 8.72 -18.31
N ASP A 522 7.51 8.75 -19.59
CA ASP A 522 6.73 7.70 -20.24
C ASP A 522 5.45 7.37 -19.44
N CYS A 523 4.81 8.40 -18.90
CA CYS A 523 3.62 8.26 -18.10
C CYS A 523 2.50 9.04 -18.75
N GLY A 524 1.36 8.37 -18.98
CA GLY A 524 0.18 9.00 -19.55
C GLY A 524 -0.69 9.66 -18.50
N HIS A 525 -1.97 9.85 -18.82
CA HIS A 525 -2.94 10.47 -17.93
C HIS A 525 -3.25 9.69 -16.64
N TRP A 526 -3.34 8.38 -16.69
CA TRP A 526 -3.74 7.55 -15.55
C TRP A 526 -2.56 7.14 -14.66
N THR A 527 -1.84 8.15 -14.16
CA THR A 527 -0.59 8.12 -13.39
C THR A 527 -0.47 7.01 -12.33
N GLN A 528 -1.43 6.89 -11.40
CA GLN A 528 -1.41 5.92 -10.30
C GLN A 528 -1.33 4.49 -10.77
N MET A 529 -2.03 4.15 -11.86
CA MET A 529 -1.99 2.79 -12.38
C MET A 529 -0.99 2.63 -13.55
N ASP A 530 -0.51 3.73 -14.14
CA ASP A 530 0.48 3.67 -15.20
C ASP A 530 1.86 3.43 -14.55
N LYS A 531 2.31 4.32 -13.64
CA LYS A 531 3.60 4.19 -12.97
C LYS A 531 3.45 4.10 -11.42
N PRO A 532 2.82 3.03 -10.87
CA PRO A 532 2.61 2.99 -9.41
C PRO A 532 3.84 3.02 -8.52
N THR A 533 4.93 2.36 -8.91
CA THR A 533 6.15 2.36 -8.10
C THR A 533 6.77 3.75 -8.00
N GLU A 534 6.88 4.45 -9.13
CA GLU A 534 7.44 5.81 -9.23
C GLU A 534 6.64 6.80 -8.40
N VAL A 535 5.30 6.75 -8.48
CA VAL A 535 4.41 7.61 -7.71
C VAL A 535 4.65 7.38 -6.22
N ASN A 536 4.67 6.11 -5.79
CA ASN A 536 4.90 5.74 -4.38
C ASN A 536 6.21 6.31 -3.87
N GLN A 537 7.30 6.15 -4.63
CA GLN A 537 8.61 6.68 -4.22
C GLN A 537 8.63 8.20 -4.07
N ILE A 538 8.05 8.93 -5.04
CA ILE A 538 7.97 10.39 -5.01
C ILE A 538 7.13 10.88 -3.83
N LEU A 539 5.97 10.27 -3.62
CA LEU A 539 5.11 10.67 -2.51
C LEU A 539 5.71 10.34 -1.15
N ILE A 540 6.30 9.15 -0.96
CA ILE A 540 6.81 8.76 0.35
C ILE A 540 7.99 9.62 0.78
N LYS A 541 8.86 9.97 -0.17
CA LYS A 541 10.04 10.79 0.13
C LYS A 541 9.63 12.21 0.53
N TRP A 542 8.66 12.77 -0.19
CA TRP A 542 8.16 14.12 0.08
C TRP A 542 7.40 14.19 1.39
N LEU A 543 6.61 13.16 1.70
CA LEU A 543 5.86 13.12 2.94
C LEU A 543 6.79 13.07 4.13
N ASP A 544 7.86 12.26 4.04
CA ASP A 544 8.81 12.12 5.15
C ASP A 544 9.65 13.35 5.42
N SER A 545 9.89 14.18 4.40
CA SER A 545 10.69 15.39 4.59
C SER A 545 9.87 16.66 4.82
N ASP A 546 8.76 16.85 4.08
CA ASP A 546 7.95 18.08 4.19
C ASP A 546 6.63 17.98 4.97
N ALA A 547 6.11 16.78 5.24
CA ALA A 547 4.85 16.62 5.95
C ALA A 547 4.99 15.89 7.28
N ARG A 548 6.12 16.10 7.98
CA ARG A 548 6.40 15.48 9.28
C ARG A 548 7.13 16.46 10.21
C22 AUB B . -6.30 9.68 -21.95
C24 AUB B . -7.95 9.16 -23.66
C21 AUB B . -7.28 10.35 -21.23
C25 AUB B . -8.93 9.82 -22.93
C23 AUB B . -6.65 9.09 -23.16
C20 AUB B . -8.59 10.42 -21.72
C28 AUB B . -5.62 8.37 -23.92
C26 AUB B . -9.98 16.58 -17.43
C14 AUB B . -10.29 13.08 -18.03
C12 AUB B . -8.66 14.33 -19.55
C15 AUB B . -10.45 11.98 -19.09
C17 AUB B . -8.92 13.30 -20.65
C6 AUB B . -9.78 21.40 -16.68
C9 AUB B . -10.00 20.86 -14.20
C4 AUB B . -7.73 20.88 -15.30
C2 AUB B . -10.85 19.24 -15.94
C10 AUB B . -8.54 19.25 -17.04
C8 AUB B . -8.78 18.69 -14.57
C1 AUB B . -10.69 20.75 -15.60
C5 AUB B . -8.37 20.75 -16.72
C3 AUB B . -8.59 20.19 -14.20
C13 AUB B . -9.86 14.45 -18.58
C16 AUB B . -9.26 11.93 -20.05
C7 AUB B . -9.46 18.55 -15.97
N18 AUB B . -9.51 15.31 -17.51
N11 AUB B . -9.63 17.14 -16.24
O29 AUB B . -4.46 8.27 -23.53
O27 AUB B . -10.67 17.08 -18.31
O30 AUB B . -6.19 7.87 -25.04
O19 AUB B . -9.65 11.05 -21.09
#